data_5SC1
#
_entry.id   5SC1
#
_cell.length_a   31.075
_cell.length_b   82.071
_cell.length_c   32.257
_cell.angle_alpha   90.000
_cell.angle_beta   117.900
_cell.angle_gamma   90.000
#
_symmetry.space_group_name_H-M   'P 1 21 1'
#
loop_
_entity.id
_entity.type
_entity.pdbx_description
1 polymer 'CD44 antigen'
2 non-polymer N-methyl-3-oxo-N-(propan-2-yl)piperazine-1-sulfonamide
3 non-polymer 'DIMETHYL SULFOXIDE'
4 non-polymer 1,2-ETHANEDIOL
5 water water
#
_entity_poly.entity_id   1
_entity_poly.type   'polypeptide(L)'
_entity_poly.pdbx_seq_one_letter_code
;MNQIDLNVTCRYAGVFHVEKNGRYSISRTEAADLCQAFNSTLPTMDQMKLALSKGFETCRYGFIEGNVVIPRIHPNAICA
ANHTGVYILVTSNTSHYDTYCFNASAPPEEDCTSVTDLPNSFDGPVTITIVNRDGTRYSKKGEYRTHQEDID
;
_entity_poly.pdbx_strand_id   A
#
loop_
_chem_comp.id
_chem_comp.type
_chem_comp.name
_chem_comp.formula
8DH non-polymer N-methyl-3-oxo-N-(propan-2-yl)piperazine-1-sulfonamide 'C8 H17 N3 O3 S'
DMS non-polymer 'DIMETHYL SULFOXIDE' 'C2 H6 O S'
EDO non-polymer 1,2-ETHANEDIOL 'C2 H6 O2'
#
# COMPACT_ATOMS: atom_id res chain seq x y z
N ASN A 2 -11.54 -17.46 -6.25
CA ASN A 2 -10.30 -17.20 -5.51
C ASN A 2 -9.79 -15.86 -6.01
N GLN A 3 -10.17 -14.77 -5.33
CA GLN A 3 -9.90 -13.44 -5.82
C GLN A 3 -9.41 -12.51 -4.74
N ILE A 4 -8.47 -11.63 -5.09
CA ILE A 4 -7.96 -10.59 -4.20
C ILE A 4 -8.05 -9.28 -4.95
N ASP A 5 -8.61 -8.24 -4.33
N ASP A 5 -8.58 -8.24 -4.33
CA ASP A 5 -8.68 -6.88 -4.88
CA ASP A 5 -8.63 -6.91 -4.93
C ASP A 5 -7.62 -6.08 -4.15
C ASP A 5 -7.68 -6.02 -4.17
N LEU A 6 -6.82 -5.32 -4.90
CA LEU A 6 -5.81 -4.43 -4.31
C LEU A 6 -6.09 -3.03 -4.80
N ASN A 7 -6.61 -2.17 -3.92
CA ASN A 7 -6.84 -0.78 -4.29
C ASN A 7 -5.54 -0.02 -4.07
N VAL A 8 -5.09 0.71 -5.12
CA VAL A 8 -3.80 1.43 -5.06
C VAL A 8 -4.01 2.92 -5.33
N THR A 9 -3.05 3.73 -4.85
CA THR A 9 -3.08 5.16 -5.03
C THR A 9 -2.04 5.64 -6.03
N CYS A 10 -2.04 6.97 -6.27
CA CYS A 10 -0.93 7.73 -6.84
C CYS A 10 0.36 7.33 -6.07
N ARG A 11 1.49 7.50 -6.72
CA ARG A 11 2.80 7.34 -6.08
C ARG A 11 3.35 8.74 -5.85
N TYR A 12 3.97 8.96 -4.71
CA TYR A 12 4.60 10.22 -4.33
C TYR A 12 6.01 9.94 -3.94
N ALA A 13 6.98 10.37 -4.77
CA ALA A 13 8.36 9.97 -4.56
C ALA A 13 8.52 8.44 -4.36
N GLY A 14 7.73 7.72 -5.19
CA GLY A 14 7.73 6.26 -5.22
C GLY A 14 6.90 5.57 -4.16
N VAL A 15 6.31 6.31 -3.23
CA VAL A 15 5.54 5.68 -2.15
C VAL A 15 4.06 5.68 -2.51
N PHE A 16 3.39 4.56 -2.24
CA PHE A 16 1.96 4.43 -2.52
C PHE A 16 1.31 3.58 -1.44
N HIS A 17 -0.03 3.64 -1.40
CA HIS A 17 -0.84 2.89 -0.42
C HIS A 17 -1.60 1.77 -1.14
N VAL A 18 -1.68 0.59 -0.46
CA VAL A 18 -2.39 -0.56 -0.98
C VAL A 18 -3.36 -1.05 0.11
N GLU A 19 -4.66 -1.13 -0.25
CA GLU A 19 -5.70 -1.67 0.63
C GLU A 19 -6.18 -2.98 -0.02
N LYS A 20 -6.19 -4.06 0.78
CA LYS A 20 -6.60 -5.37 0.26
CA LYS A 20 -6.61 -5.35 0.25
C LYS A 20 -8.04 -5.67 0.63
N ASN A 21 -8.84 -6.04 -0.36
CA ASN A 21 -10.24 -6.48 -0.18
C ASN A 21 -11.10 -5.51 0.61
N GLY A 22 -10.81 -4.23 0.50
CA GLY A 22 -11.64 -3.18 1.08
C GLY A 22 -11.76 -3.16 2.59
N ARG A 23 -10.78 -3.73 3.26
CA ARG A 23 -10.77 -3.70 4.71
CA ARG A 23 -10.78 -3.84 4.72
C ARG A 23 -9.35 -3.90 5.20
N TYR A 24 -9.10 -3.58 6.48
CA TYR A 24 -7.76 -3.78 7.07
C TYR A 24 -7.56 -5.31 7.14
N SER A 25 -6.65 -5.83 6.33
CA SER A 25 -6.56 -7.30 6.17
C SER A 25 -5.19 -7.81 5.90
N ILE A 26 -4.16 -6.97 6.05
CA ILE A 26 -2.80 -7.36 5.72
C ILE A 26 -1.94 -7.50 6.98
N SER A 27 -1.21 -8.63 7.12
CA SER A 27 -0.25 -8.79 8.22
C SER A 27 1.09 -8.18 7.81
N ARG A 28 2.01 -7.99 8.77
CA ARG A 28 3.32 -7.46 8.42
C ARG A 28 4.07 -8.35 7.43
N THR A 29 3.99 -9.68 7.60
CA THR A 29 4.65 -10.58 6.62
C THR A 29 4.03 -10.47 5.24
N GLU A 30 2.72 -10.41 5.19
CA GLU A 30 2.02 -10.28 3.90
CA GLU A 30 2.04 -10.29 3.91
C GLU A 30 2.37 -8.97 3.23
N ALA A 31 2.53 -7.90 4.01
CA ALA A 31 2.83 -6.59 3.47
C ALA A 31 4.14 -6.58 2.73
N ALA A 32 5.19 -7.20 3.30
CA ALA A 32 6.48 -7.24 2.61
C ALA A 32 6.38 -8.01 1.30
N ASP A 33 5.63 -9.13 1.31
CA ASP A 33 5.47 -9.94 0.11
C ASP A 33 4.64 -9.21 -0.95
N LEU A 34 3.62 -8.47 -0.52
CA LEU A 34 2.78 -7.73 -1.42
CA LEU A 34 2.75 -7.70 -1.39
C LEU A 34 3.57 -6.63 -2.11
N CYS A 35 4.38 -5.87 -1.33
CA CYS A 35 5.21 -4.84 -1.97
C CYS A 35 6.21 -5.47 -2.94
N GLN A 36 6.75 -6.65 -2.61
CA GLN A 36 7.69 -7.33 -3.50
C GLN A 36 7.06 -7.66 -4.85
N ALA A 37 5.74 -7.93 -4.88
CA ALA A 37 5.04 -8.20 -6.14
C ALA A 37 4.98 -6.95 -7.04
N PHE A 38 5.08 -5.74 -6.45
CA PHE A 38 5.15 -4.50 -7.22
C PHE A 38 6.63 -4.05 -7.37
N ASN A 39 7.61 -4.97 -7.24
CA ASN A 39 9.06 -4.63 -7.28
C ASN A 39 9.36 -3.50 -6.29
N SER A 40 8.73 -3.59 -5.10
CA SER A 40 8.77 -2.52 -4.11
C SER A 40 9.10 -3.10 -2.75
N THR A 41 9.37 -2.19 -1.81
CA THR A 41 9.68 -2.55 -0.44
C THR A 41 8.85 -1.74 0.50
N LEU A 42 8.78 -2.12 1.77
CA LEU A 42 8.08 -1.26 2.75
CA LEU A 42 8.10 -1.29 2.78
C LEU A 42 8.90 0.03 2.87
N PRO A 43 8.25 1.20 2.79
CA PRO A 43 9.02 2.45 2.86
C PRO A 43 9.75 2.60 4.18
N THR A 44 10.90 3.28 4.17
CA THR A 44 11.52 3.71 5.42
C THR A 44 10.74 4.94 5.87
N MET A 45 10.89 5.31 7.14
CA MET A 45 10.26 6.54 7.66
C MET A 45 10.78 7.75 6.83
N ASP A 46 12.10 7.80 6.50
CA ASP A 46 12.59 8.91 5.68
C ASP A 46 11.91 8.96 4.30
N GLN A 47 11.75 7.79 3.66
CA GLN A 47 11.08 7.75 2.34
C GLN A 47 9.62 8.23 2.46
N MET A 48 8.93 7.83 3.54
CA MET A 48 7.53 8.24 3.74
C MET A 48 7.47 9.76 4.02
N LYS A 49 8.41 10.30 4.81
CA LYS A 49 8.40 11.76 5.07
C LYS A 49 8.60 12.55 3.77
N LEU A 50 9.46 12.07 2.87
CA LEU A 50 9.66 12.77 1.60
C LEU A 50 8.39 12.69 0.76
N ALA A 51 7.75 11.52 0.73
CA ALA A 51 6.47 11.37 0.01
C ALA A 51 5.41 12.35 0.52
N LEU A 52 5.30 12.46 1.85
CA LEU A 52 4.40 13.42 2.51
CA LEU A 52 4.37 13.40 2.45
C LEU A 52 4.66 14.83 1.99
N SER A 53 5.94 15.23 1.95
CA SER A 53 6.30 16.58 1.50
C SER A 53 5.92 16.85 0.05
N LYS A 54 5.77 15.79 -0.77
CA LYS A 54 5.39 15.94 -2.19
C LYS A 54 3.85 15.91 -2.41
N GLY A 55 3.07 15.71 -1.35
CA GLY A 55 1.61 15.74 -1.47
C GLY A 55 0.88 14.48 -1.02
N PHE A 56 1.58 13.50 -0.47
CA PHE A 56 0.93 12.23 -0.05
C PHE A 56 0.22 12.30 1.28
N GLU A 57 -1.09 11.97 1.28
CA GLU A 57 -1.80 11.75 2.53
C GLU A 57 -2.86 10.69 2.30
N THR A 58 -3.18 9.94 3.35
CA THR A 58 -4.30 8.95 3.29
C THR A 58 -5.06 9.13 4.63
N CYS A 59 -6.16 8.38 4.76
CA CYS A 59 -6.87 8.29 6.02
C CYS A 59 -6.92 6.82 6.49
N ARG A 60 -5.84 6.06 6.24
CA ARG A 60 -5.78 4.64 6.60
C ARG A 60 -4.46 4.23 7.19
N TYR A 61 -4.49 3.44 8.27
CA TYR A 61 -3.27 2.87 8.83
C TYR A 61 -2.63 1.88 7.87
N GLY A 62 -1.32 1.99 7.73
CA GLY A 62 -0.60 1.01 6.94
C GLY A 62 0.84 0.83 7.37
N PHE A 63 1.39 -0.35 7.09
CA PHE A 63 2.78 -0.62 7.47
C PHE A 63 3.77 0.19 6.66
N ILE A 64 4.81 0.61 7.36
CA ILE A 64 6.08 1.01 6.79
C ILE A 64 7.13 0.12 7.49
N GLU A 65 8.43 0.32 7.21
CA GLU A 65 9.46 -0.42 7.94
C GLU A 65 9.46 0.08 9.38
N GLY A 66 9.15 -0.81 10.32
CA GLY A 66 9.26 -0.52 11.74
C GLY A 66 8.03 0.00 12.43
N ASN A 67 7.06 0.56 11.70
CA ASN A 67 5.86 1.14 12.34
C ASN A 67 4.63 1.00 11.45
N VAL A 68 3.46 1.35 12.01
CA VAL A 68 2.19 1.47 11.29
C VAL A 68 1.81 2.96 11.39
N VAL A 69 1.55 3.59 10.21
CA VAL A 69 1.41 5.03 10.16
C VAL A 69 0.25 5.48 9.27
N ILE A 70 -0.08 6.78 9.37
CA ILE A 70 -0.96 7.48 8.47
C ILE A 70 -0.27 8.80 8.08
N PRO A 71 0.09 9.03 6.80
CA PRO A 71 0.63 10.33 6.42
C PRO A 71 -0.51 11.34 6.29
N ARG A 72 -0.37 12.46 6.99
CA ARG A 72 -1.40 13.51 6.96
C ARG A 72 -0.85 14.87 6.58
N ILE A 73 -1.52 15.57 5.68
CA ILE A 73 -1.19 16.94 5.33
C ILE A 73 -2.19 17.86 5.98
N HIS A 74 -3.50 17.61 5.73
CA HIS A 74 -4.53 18.51 6.23
C HIS A 74 -5.15 17.94 7.48
N PRO A 75 -5.33 18.75 8.53
CA PRO A 75 -5.95 18.21 9.75
C PRO A 75 -7.39 17.80 9.46
N ASN A 76 -7.75 16.60 9.88
CA ASN A 76 -9.11 16.10 9.73
C ASN A 76 -9.39 15.32 11.01
N ALA A 77 -10.48 15.68 11.72
CA ALA A 77 -10.80 15.07 13.00
C ALA A 77 -10.93 13.54 13.01
N ILE A 78 -11.34 12.95 11.89
CA ILE A 78 -11.51 11.49 11.80
C ILE A 78 -10.33 10.77 11.12
N CYS A 79 -9.22 11.47 10.86
CA CYS A 79 -8.03 10.89 10.26
C CYS A 79 -6.87 11.18 11.18
N ALA A 80 -6.39 10.17 11.92
CA ALA A 80 -5.26 10.32 12.83
C ALA A 80 -5.51 11.42 13.88
N ALA A 81 -6.74 11.50 14.38
CA ALA A 81 -7.11 12.43 15.45
C ALA A 81 -6.64 13.89 15.20
N ASN A 82 -6.85 14.38 13.97
CA ASN A 82 -6.54 15.75 13.57
C ASN A 82 -5.04 16.10 13.45
N HIS A 83 -4.17 15.09 13.53
CA HIS A 83 -2.74 15.34 13.47
C HIS A 83 -2.28 15.56 12.03
N THR A 84 -1.13 16.21 11.89
CA THR A 84 -0.47 16.35 10.58
C THR A 84 0.91 15.70 10.70
N GLY A 85 1.56 15.46 9.56
CA GLY A 85 2.85 14.79 9.52
C GLY A 85 2.64 13.29 9.39
N VAL A 86 3.71 12.50 9.51
CA VAL A 86 3.56 11.04 9.48
C VAL A 86 3.09 10.64 10.89
N TYR A 87 1.79 10.35 11.04
CA TYR A 87 1.26 9.96 12.35
C TYR A 87 1.58 8.51 12.61
N ILE A 88 2.16 8.23 13.78
CA ILE A 88 2.56 6.88 14.15
C ILE A 88 1.56 6.25 15.11
N LEU A 89 1.01 5.09 14.73
CA LEU A 89 0.11 4.35 15.61
C LEU A 89 0.90 3.88 16.82
N VAL A 90 0.44 4.19 18.03
CA VAL A 90 1.15 3.81 19.25
C VAL A 90 0.50 2.62 19.92
N THR A 91 -0.84 2.64 20.10
CA THR A 91 -1.50 1.60 20.88
C THR A 91 -2.63 0.98 20.13
N SER A 92 -2.54 -0.33 19.91
CA SER A 92 -3.60 -1.08 19.25
C SER A 92 -3.58 -2.50 19.76
N ASN A 93 -4.74 -3.13 19.87
CA ASN A 93 -4.75 -4.54 20.25
C ASN A 93 -4.41 -5.45 19.06
N THR A 94 -4.62 -4.97 17.81
CA THR A 94 -4.71 -5.81 16.62
C THR A 94 -3.56 -5.65 15.65
N SER A 95 -3.44 -6.63 14.73
CA SER A 95 -2.23 -6.78 13.93
C SER A 95 -2.38 -6.57 12.45
N HIS A 96 -3.61 -6.35 11.93
CA HIS A 96 -3.81 -6.30 10.48
C HIS A 96 -4.20 -4.91 10.01
N TYR A 97 -3.47 -4.41 9.00
CA TYR A 97 -3.69 -3.03 8.54
C TYR A 97 -3.65 -3.04 7.00
N ASP A 98 -3.54 -1.85 6.39
CA ASP A 98 -3.24 -1.79 4.96
C ASP A 98 -1.68 -1.77 4.89
N THR A 99 -1.12 -1.53 3.69
CA THR A 99 0.33 -1.34 3.63
C THR A 99 0.69 -0.15 2.77
N TYR A 100 1.89 0.39 3.03
CA TYR A 100 2.49 1.30 2.06
C TYR A 100 3.63 0.50 1.38
N CYS A 101 4.00 0.94 0.17
CA CYS A 101 5.09 0.32 -0.60
C CYS A 101 5.89 1.46 -1.23
N PHE A 102 7.16 1.17 -1.54
CA PHE A 102 8.06 2.13 -2.14
C PHE A 102 8.71 1.48 -3.37
N ASN A 103 8.61 2.16 -4.51
CA ASN A 103 9.22 1.71 -5.77
C ASN A 103 10.25 2.76 -6.18
N ALA A 104 11.50 2.35 -6.19
CA ALA A 104 12.58 3.26 -6.47
C ALA A 104 12.62 3.76 -7.87
N SER A 105 11.97 3.08 -8.84
CA SER A 105 11.99 3.48 -10.25
CA SER A 105 12.01 3.54 -10.23
C SER A 105 10.81 4.38 -10.63
N ALA A 106 9.92 4.70 -9.69
CA ALA A 106 8.79 5.58 -9.94
C ALA A 106 9.29 7.04 -10.04
N PRO A 107 8.43 7.95 -10.48
CA PRO A 107 8.87 9.36 -10.61
C PRO A 107 9.21 10.02 -9.28
N PRO A 108 10.03 11.08 -9.30
CA PRO A 108 10.48 11.66 -8.03
C PRO A 108 9.40 12.42 -7.24
N GLU A 109 8.34 12.92 -7.92
CA GLU A 109 7.35 13.71 -7.24
C GLU A 109 5.96 13.06 -7.34
N GLU A 110 4.90 13.80 -7.59
CA GLU A 110 3.56 13.21 -7.67
C GLU A 110 3.39 12.48 -8.98
N ASP A 111 2.99 11.21 -8.92
CA ASP A 111 2.64 10.43 -10.12
C ASP A 111 1.22 9.86 -9.94
N CYS A 112 0.25 10.54 -10.49
CA CYS A 112 -1.14 10.12 -10.41
C CYS A 112 -1.62 9.46 -11.69
N THR A 113 -0.70 8.80 -12.41
CA THR A 113 -1.10 7.88 -13.45
C THR A 113 -1.58 6.59 -12.78
N SER A 114 -2.31 5.77 -13.53
CA SER A 114 -2.82 4.52 -13.00
C SER A 114 -1.79 3.39 -13.08
N VAL A 115 -1.98 2.38 -12.21
CA VAL A 115 -1.12 1.20 -12.18
C VAL A 115 -1.73 0.17 -13.09
N THR A 116 -0.93 -0.36 -14.03
CA THR A 116 -1.38 -1.28 -15.08
C THR A 116 -0.59 -2.58 -15.09
N ASP A 117 0.05 -2.97 -13.99
CA ASP A 117 0.85 -4.19 -13.92
C ASP A 117 1.02 -4.62 -12.46
N LEU A 118 1.37 -5.88 -12.25
CA LEU A 118 1.78 -6.49 -10.97
C LEU A 118 2.99 -7.28 -11.45
N PRO A 119 4.16 -6.63 -11.56
CA PRO A 119 5.25 -7.20 -12.36
C PRO A 119 5.95 -8.39 -11.79
N ASN A 120 5.90 -8.56 -10.46
CA ASN A 120 6.70 -9.58 -9.81
C ASN A 120 5.91 -10.56 -8.97
N SER A 121 4.64 -10.77 -9.32
CA SER A 121 3.87 -11.84 -8.71
C SER A 121 4.42 -13.17 -9.27
N PHE A 122 4.18 -14.24 -8.55
CA PHE A 122 4.63 -15.55 -9.00
C PHE A 122 3.43 -16.43 -9.44
N ASP A 123 3.73 -17.63 -9.99
CA ASP A 123 2.68 -18.53 -10.42
C ASP A 123 1.75 -18.89 -9.24
N GLY A 124 0.47 -18.94 -9.52
CA GLY A 124 -0.49 -19.31 -8.49
C GLY A 124 -1.89 -19.29 -9.02
N PRO A 125 -2.86 -19.57 -8.14
CA PRO A 125 -4.25 -19.75 -8.61
C PRO A 125 -5.20 -18.60 -8.38
N VAL A 126 -4.72 -17.52 -7.78
CA VAL A 126 -5.57 -16.40 -7.41
C VAL A 126 -5.74 -15.39 -8.53
N THR A 127 -6.98 -14.92 -8.75
CA THR A 127 -7.19 -13.82 -9.68
C THR A 127 -6.94 -12.53 -8.87
N ILE A 128 -5.82 -11.84 -9.13
CA ILE A 128 -5.49 -10.62 -8.40
C ILE A 128 -5.85 -9.42 -9.25
N THR A 129 -6.69 -8.52 -8.70
CA THR A 129 -7.11 -7.36 -9.44
C THR A 129 -6.61 -6.08 -8.81
N ILE A 130 -5.87 -5.28 -9.56
CA ILE A 130 -5.40 -3.98 -9.13
CA ILE A 130 -5.39 -3.99 -9.14
C ILE A 130 -6.51 -3.02 -9.49
N VAL A 131 -7.00 -2.26 -8.51
CA VAL A 131 -8.07 -1.30 -8.72
C VAL A 131 -7.52 0.09 -8.47
N ASN A 132 -7.56 0.94 -9.50
CA ASN A 132 -7.12 2.32 -9.34
C ASN A 132 -8.23 3.20 -8.81
N ARG A 133 -7.89 4.38 -8.29
CA ARG A 133 -8.87 5.30 -7.77
CA ARG A 133 -8.91 5.28 -7.76
C ARG A 133 -9.86 5.75 -8.85
N ASP A 134 -9.39 5.83 -10.12
CA ASP A 134 -10.28 6.18 -11.23
C ASP A 134 -11.06 4.99 -11.76
N GLY A 135 -11.01 3.84 -11.07
CA GLY A 135 -11.81 2.66 -11.40
C GLY A 135 -11.15 1.74 -12.39
N THR A 136 -10.09 2.20 -13.09
CA THR A 136 -9.46 1.31 -14.06
C THR A 136 -8.82 0.14 -13.37
N ARG A 137 -8.88 -1.02 -14.02
CA ARG A 137 -8.41 -2.25 -13.40
CA ARG A 137 -8.42 -2.25 -13.40
C ARG A 137 -7.45 -3.03 -14.25
N TYR A 138 -6.60 -3.81 -13.58
CA TYR A 138 -5.65 -4.71 -14.22
C TYR A 138 -5.76 -6.02 -13.45
N SER A 139 -5.96 -7.14 -14.15
CA SER A 139 -6.07 -8.42 -13.43
C SER A 139 -5.06 -9.41 -13.95
N LYS A 140 -4.58 -10.27 -13.05
CA LYS A 140 -3.68 -11.34 -13.45
CA LYS A 140 -3.57 -11.27 -13.39
C LYS A 140 -3.78 -12.49 -12.47
N LYS A 141 -3.61 -13.70 -12.99
CA LYS A 141 -3.65 -14.91 -12.19
C LYS A 141 -2.26 -15.14 -11.58
N GLY A 142 -2.21 -15.34 -10.28
CA GLY A 142 -0.93 -15.57 -9.64
C GLY A 142 -1.03 -15.71 -8.14
N GLU A 143 0.08 -15.40 -7.48
CA GLU A 143 0.14 -15.43 -6.02
C GLU A 143 1.31 -14.51 -5.63
N TYR A 144 1.25 -13.92 -4.43
CA TYR A 144 2.37 -13.14 -3.91
C TYR A 144 2.71 -13.53 -2.46
N ARG A 145 1.85 -14.29 -1.78
CA ARG A 145 2.05 -14.64 -0.37
C ARG A 145 2.98 -15.82 -0.23
N THR A 146 4.09 -15.64 0.47
CA THR A 146 5.07 -16.68 0.70
C THR A 146 4.92 -17.37 2.05
N HIS A 147 4.11 -16.83 2.96
CA HIS A 147 3.91 -17.42 4.29
C HIS A 147 2.53 -18.12 4.33
N GLN A 148 2.46 -19.44 4.62
CA GLN A 148 1.19 -20.16 4.65
C GLN A 148 0.14 -19.58 5.59
N GLU A 149 0.56 -19.03 6.74
CA GLU A 149 -0.37 -18.44 7.70
C GLU A 149 -1.09 -17.20 7.18
N ASP A 150 -0.55 -16.57 6.11
CA ASP A 150 -1.23 -15.44 5.51
C ASP A 150 -2.26 -15.91 4.44
N ILE A 151 -2.27 -17.19 4.05
CA ILE A 151 -3.17 -17.69 3.01
C ILE A 151 -4.47 -18.28 3.58
C10 8DH B . 5.93 -1.14 -13.22
N12 8DH B . 8.22 -2.12 -13.03
C13 8DH B . 8.23 -1.76 -11.62
C15 8DH B . 6.86 -1.35 -11.02
C01 8DH B . 5.03 1.73 -8.49
C02 8DH B . 4.26 0.50 -8.96
C03 8DH B . 2.80 0.59 -8.52
N04 8DH B . 4.32 0.32 -10.43
C05 8DH B . 3.95 1.39 -11.33
S06 8DH B . 4.31 -1.25 -11.05
O07 8DH B . 3.16 -1.46 -11.89
O08 8DH B . 4.26 -2.17 -9.92
N09 8DH B . 5.74 -1.57 -11.86
C11 8DH B . 6.99 -2.02 -13.83
O14 8DH B . 9.20 -1.79 -10.94
S DMS C . -5.23 6.45 -10.83
O DMS C . -6.66 6.51 -10.28
C1 DMS C . -5.26 7.51 -12.24
C2 DMS C . -4.20 7.47 -9.78
S DMS D . 1.57 16.58 14.85
O DMS D . 0.11 16.88 14.51
C1 DMS D . 1.85 17.31 16.44
C2 DMS D . 2.52 17.71 13.90
S DMS E . -6.14 -12.28 -16.10
O DMS E . -6.89 -12.43 -14.84
C1 DMS E . -7.03 -11.06 -17.01
C2 DMS E . -6.62 -13.66 -17.07
C1 EDO F . 12.12 -0.22 -4.50
O1 EDO F . 12.06 -0.64 -5.90
C2 EDO F . 13.14 -1.02 -3.63
O2 EDO F . 13.56 -0.30 -2.44
#